data_5UEL
#
_entry.id   5UEL
#
_cell.length_a   60.218
_cell.length_b   82.499
_cell.length_c   117.211
_cell.angle_alpha   90.00
_cell.angle_beta   90.00
_cell.angle_gamma   90.00
#
_symmetry.space_group_name_H-M   'P 21 21 21'
#
loop_
_entity.id
_entity.type
_entity.pdbx_description
1 polymer '354NC102 Fab Heavy Chain'
2 polymer '354NC102 Fab Light Chain'
3 non-polymer 'SULFATE ION'
4 water water
#
loop_
_entity_poly.entity_id
_entity_poly.type
_entity_poly.pdbx_seq_one_letter_code
_entity_poly.pdbx_strand_id
1 'polypeptide(L)'
;QVRLVQSGGQVKKPGASVTVSCEADGYDFPDYYIHWVRQAPGRGPEWLGLIKVGHGGAAIYAPNLRGRVSMTRDIHTTTA
YMTLQRLTLDDTATYYCSRDNFGTRPVPGRGYYYGMDVWGQGTTIIVSSASTKGPSVFPLAPSSKSTSGGTAALGCLVKD
YFPEPVTVSWNSGALTSGVHTFPAVLQSSGLYSLSSVVTVPSSSLGTQTYICNVNHKPSNTKVDKRVEPKSC
;
H
2 'polypeptide(L)'
;EIVLTQSPGVLSLSPGERASLSCRASHGLDTSHLAWFQHKPGQPPRLLIYGTSSRPPGIPDRFRGSGSGTDFTLTITKLE
PEDFAVYYCQNSGGGTPLIFGPGTKVNIKRTVAAPSVFIFPPSDEQLKSGTASVVCLLNNFYPREAKVQWKVDNALQSGN
SQESVTEQDSKDSTYSLSSTLTLSKADYEKHKVYACEVTHQGLSSPVTKSFNRGEC
;
L
#
loop_
_chem_comp.id
_chem_comp.type
_chem_comp.name
_chem_comp.formula
SO4 non-polymer 'SULFATE ION' 'O4 S -2'
#
# COMPACT_ATOMS: atom_id res chain seq x y z
N GLN A 1 -25.24 -6.36 13.77
CA GLN A 1 -24.13 -5.68 14.40
C GLN A 1 -23.09 -6.67 14.92
N VAL A 2 -22.91 -7.66 14.09
CA VAL A 2 -21.78 -8.57 14.35
C VAL A 2 -20.50 -7.85 13.98
N ARG A 3 -19.61 -7.66 14.95
CA ARG A 3 -18.42 -6.87 14.68
C ARG A 3 -17.28 -7.19 15.64
N LEU A 4 -16.08 -6.84 15.19
CA LEU A 4 -14.88 -6.91 16.01
C LEU A 4 -14.28 -5.52 16.01
N VAL A 5 -14.04 -4.97 17.20
CA VAL A 5 -13.53 -3.60 17.32
C VAL A 5 -12.17 -3.63 17.99
N GLN A 6 -11.15 -3.13 17.28
CA GLN A 6 -9.78 -3.16 17.76
C GLN A 6 -9.36 -1.85 18.40
N SER A 7 -8.30 -1.92 19.18
CA SER A 7 -7.73 -0.73 19.83
C SER A 7 -7.06 0.18 18.80
N GLY A 8 -6.73 1.40 19.23
CA GLY A 8 -6.20 2.38 18.31
C GLY A 8 -4.75 2.16 17.94
N GLY A 9 -4.31 2.83 16.86
CA GLY A 9 -2.95 2.73 16.39
C GLY A 9 -1.96 3.31 17.40
N GLN A 10 -0.72 2.82 17.33
CA GLN A 10 0.32 3.20 18.28
C GLN A 10 1.67 3.34 17.61
N VAL A 11 2.47 4.31 18.07
CA VAL A 11 3.90 4.35 17.76
C VAL A 11 4.68 3.77 18.94
N LYS A 12 5.55 2.81 18.64
CA LYS A 12 6.37 2.16 19.67
C LYS A 12 7.85 2.22 19.35
N LYS A 13 8.69 2.31 20.37
CA LYS A 13 10.13 2.23 20.19
C LYS A 13 10.58 0.79 19.93
N PRO A 14 11.65 0.62 19.14
CA PRO A 14 12.26 -0.71 19.01
C PRO A 14 12.57 -1.28 20.39
N GLY A 15 12.29 -2.57 20.57
CA GLY A 15 12.52 -3.22 21.85
C GLY A 15 11.36 -3.18 22.82
N ALA A 16 10.39 -2.31 22.57
CA ALA A 16 9.23 -2.18 23.44
C ALA A 16 8.23 -3.31 23.17
N SER A 17 7.15 -3.31 23.96
CA SER A 17 6.06 -4.26 23.76
C SER A 17 4.77 -3.50 23.48
N VAL A 18 3.84 -4.15 22.79
CA VAL A 18 2.56 -3.54 22.52
C VAL A 18 1.48 -4.61 22.63
N THR A 19 0.34 -4.21 23.18
CA THR A 19 -0.82 -5.09 23.25
C THR A 19 -1.97 -4.51 22.43
N VAL A 20 -2.52 -5.32 21.53
CA VAL A 20 -3.65 -4.92 20.70
C VAL A 20 -4.87 -5.69 21.18
N SER A 21 -5.99 -5.00 21.38
CA SER A 21 -7.23 -5.67 21.79
C SER A 21 -8.19 -5.82 20.61
N CYS A 22 -9.11 -6.78 20.76
CA CYS A 22 -10.09 -7.12 19.74
C CYS A 22 -11.38 -7.47 20.47
N GLU A 23 -12.30 -6.53 20.54
CA GLU A 23 -13.54 -6.74 21.30
C GLU A 23 -14.66 -7.23 20.39
N ALA A 24 -15.28 -8.33 20.80
CA ALA A 24 -16.34 -8.95 20.01
C ALA A 24 -17.72 -8.45 20.42
N ASP A 25 -18.51 -8.08 19.42
CA ASP A 25 -19.88 -7.60 19.69
C ASP A 25 -20.87 -8.29 18.77
N GLY A 26 -22.07 -8.53 19.27
CA GLY A 26 -23.14 -9.00 18.41
C GLY A 26 -23.19 -10.48 18.06
N TYR A 27 -22.37 -11.30 18.70
CA TYR A 27 -22.42 -12.73 18.49
C TYR A 27 -21.95 -13.44 19.75
N ASP A 28 -22.14 -14.76 19.80
CA ASP A 28 -21.72 -15.55 20.95
C ASP A 28 -20.22 -15.79 20.92
N PHE A 29 -19.48 -15.01 21.71
CA PHE A 29 -18.02 -15.03 21.72
C PHE A 29 -17.38 -16.43 21.82
N PRO A 30 -17.89 -17.30 22.71
CA PRO A 30 -17.22 -18.61 22.82
C PRO A 30 -17.41 -19.55 21.64
N ASP A 31 -18.21 -19.18 20.65
CA ASP A 31 -18.50 -20.08 19.55
C ASP A 31 -17.51 -19.95 18.39
N TYR A 32 -16.57 -19.01 18.49
CA TYR A 32 -15.62 -18.80 17.38
C TYR A 32 -14.20 -18.61 17.88
N TYR A 33 -13.25 -19.25 17.22
CA TYR A 33 -11.84 -18.93 17.45
C TYR A 33 -11.53 -17.52 16.96
N ILE A 34 -10.42 -16.96 17.44
CA ILE A 34 -9.97 -15.66 16.96
C ILE A 34 -8.56 -15.79 16.40
N HIS A 35 -8.35 -15.28 15.18
CA HIS A 35 -7.02 -15.24 14.56
C HIS A 35 -6.43 -13.85 14.64
N TRP A 36 -5.10 -13.79 14.61
CA TRP A 36 -4.40 -12.54 14.35
C TRP A 36 -3.61 -12.65 13.06
N VAL A 37 -3.72 -11.61 12.24
CA VAL A 37 -3.13 -11.52 10.90
C VAL A 37 -2.50 -10.14 10.77
N ARG A 38 -1.36 -10.02 10.10
CA ARG A 38 -0.89 -8.66 9.82
C ARG A 38 -0.55 -8.47 8.36
N GLN A 39 -0.49 -7.22 7.94
CA GLN A 39 -0.01 -6.90 6.60
C GLN A 39 0.91 -5.69 6.67
N ALA A 40 2.16 -5.92 6.30
CA ALA A 40 3.20 -4.90 6.33
C ALA A 40 3.26 -4.22 4.97
N PRO A 41 3.78 -2.97 4.92
CA PRO A 41 3.92 -2.27 3.63
C PRO A 41 4.63 -3.13 2.59
N GLY A 42 4.02 -3.26 1.42
CA GLY A 42 4.65 -3.96 0.31
C GLY A 42 4.68 -5.47 0.40
N ARG A 43 3.98 -6.02 1.39
CA ARG A 43 3.92 -7.48 1.55
C ARG A 43 2.47 -7.97 1.61
N GLY A 44 2.29 -9.27 1.47
CA GLY A 44 0.96 -9.85 1.54
C GLY A 44 0.60 -10.15 2.97
N PRO A 45 -0.66 -10.53 3.21
CA PRO A 45 -1.11 -10.85 4.57
C PRO A 45 -0.39 -12.06 5.16
N GLU A 46 -0.12 -11.98 6.47
CA GLU A 46 0.61 -13.01 7.19
C GLU A 46 -0.20 -13.46 8.41
N TRP A 47 -0.53 -14.76 8.46
CA TRP A 47 -1.16 -15.32 9.65
C TRP A 47 -0.15 -15.40 10.80
N LEU A 48 -0.55 -14.88 11.97
CA LEU A 48 0.35 -14.85 13.14
C LEU A 48 0.02 -15.90 14.18
N GLY A 49 -1.26 -16.23 14.33
CA GLY A 49 -1.64 -17.20 15.35
C GLY A 49 -3.13 -17.21 15.57
N LEU A 50 -3.60 -18.14 16.39
CA LEU A 50 -5.01 -18.14 16.76
C LEU A 50 -5.17 -18.41 18.25
N ILE A 51 -6.34 -18.09 18.76
CA ILE A 51 -6.73 -18.37 20.15
C ILE A 51 -7.92 -19.32 20.12
N LYS A 52 -7.83 -20.42 20.86
CA LYS A 52 -8.89 -21.43 20.85
C LYS A 52 -10.07 -21.05 21.76
N VAL A 53 -10.71 -19.93 21.45
CA VAL A 53 -11.83 -19.44 22.24
C VAL A 53 -12.97 -20.48 22.23
N GLY A 54 -13.44 -20.86 23.42
CA GLY A 54 -14.47 -21.87 23.52
C GLY A 54 -13.95 -23.27 23.70
N HIS A 55 -12.66 -23.47 23.42
CA HIS A 55 -12.00 -24.76 23.64
C HIS A 55 -10.79 -24.65 24.55
N GLY A 56 -10.88 -23.79 25.56
CA GLY A 56 -9.85 -23.71 26.56
C GLY A 56 -8.94 -22.50 26.50
N GLY A 57 -8.95 -21.80 25.37
CA GLY A 57 -8.23 -20.55 25.25
C GLY A 57 -6.73 -20.61 24.97
N ALA A 58 -6.20 -21.81 24.72
CA ALA A 58 -4.78 -21.89 24.37
C ALA A 58 -4.55 -21.24 23.03
N ALA A 59 -3.31 -20.79 22.81
CA ALA A 59 -2.94 -20.17 21.54
C ALA A 59 -2.02 -21.05 20.73
N ILE A 60 -2.09 -20.88 19.41
CA ILE A 60 -1.16 -21.50 18.49
C ILE A 60 -0.50 -20.36 17.73
N TYR A 61 0.84 -20.36 17.66
CA TYR A 61 1.57 -19.28 17.00
C TYR A 61 2.28 -19.73 15.72
N ALA A 62 2.35 -18.82 14.75
CA ALA A 62 3.20 -19.02 13.59
C ALA A 62 4.67 -18.94 14.01
N PRO A 63 5.55 -19.64 13.30
CA PRO A 63 6.97 -19.68 13.72
C PRO A 63 7.71 -18.35 13.68
N ASN A 64 7.37 -17.43 12.76
CA ASN A 64 8.15 -16.20 12.63
C ASN A 64 8.23 -15.41 13.95
N LEU A 65 7.11 -15.29 14.66
CA LEU A 65 7.08 -14.47 15.88
C LEU A 65 7.15 -15.30 17.16
N ARG A 66 7.20 -16.62 17.01
CA ARG A 66 7.23 -17.51 18.17
C ARG A 66 8.37 -17.17 19.13
N GLY A 67 8.04 -17.09 20.41
CA GLY A 67 9.03 -16.72 21.41
C GLY A 67 8.89 -15.28 21.88
N ARG A 68 8.17 -14.45 21.12
CA ARG A 68 7.96 -13.08 21.56
C ARG A 68 6.54 -12.58 21.29
N VAL A 69 5.62 -13.51 21.12
CA VAL A 69 4.22 -13.13 20.96
C VAL A 69 3.36 -13.92 21.93
N SER A 70 2.32 -13.28 22.44
CA SER A 70 1.37 -13.91 23.36
C SER A 70 -0.03 -13.54 22.91
N MET A 71 -0.93 -14.52 22.89
CA MET A 71 -2.32 -14.26 22.54
C MET A 71 -3.23 -14.87 23.58
N THR A 72 -4.20 -14.09 24.06
CA THR A 72 -5.12 -14.53 25.11
C THR A 72 -6.53 -14.04 24.83
N ARG A 73 -7.51 -14.64 25.50
CA ARG A 73 -8.86 -14.12 25.48
C ARG A 73 -9.40 -13.94 26.89
N ASP A 74 -10.40 -13.08 27.03
CA ASP A 74 -11.13 -12.89 28.27
C ASP A 74 -12.61 -13.15 27.97
N ILE A 75 -13.13 -14.29 28.41
CA ILE A 75 -14.53 -14.64 28.19
C ILE A 75 -15.47 -13.60 28.77
N HIS A 76 -15.20 -13.14 29.99
CA HIS A 76 -16.09 -12.18 30.65
C HIS A 76 -16.28 -10.87 29.88
N THR A 77 -15.21 -10.37 29.27
CA THR A 77 -15.30 -9.10 28.55
C THR A 77 -15.36 -9.30 27.03
N THR A 78 -15.56 -10.54 26.61
CA THR A 78 -15.59 -10.94 25.19
C THR A 78 -14.55 -10.19 24.36
N THR A 79 -13.30 -10.26 24.83
CA THR A 79 -12.21 -9.58 24.16
C THR A 79 -11.02 -10.51 24.00
N ALA A 80 -10.37 -10.42 22.85
CA ALA A 80 -9.13 -11.12 22.58
C ALA A 80 -7.97 -10.14 22.48
N TYR A 81 -6.76 -10.65 22.71
CA TYR A 81 -5.57 -9.81 22.75
C TYR A 81 -4.39 -10.44 22.07
N MET A 82 -3.53 -9.59 21.55
CA MET A 82 -2.22 -10.00 21.05
C MET A 82 -1.18 -9.09 21.68
N THR A 83 -0.14 -9.67 22.25
CA THR A 83 0.99 -8.88 22.77
C THR A 83 2.26 -9.26 22.04
N LEU A 84 2.90 -8.29 21.40
CA LEU A 84 4.15 -8.55 20.69
C LEU A 84 5.28 -7.86 21.44
N GLN A 85 6.29 -8.63 21.83
CA GLN A 85 7.42 -8.08 22.59
C GLN A 85 8.66 -7.88 21.72
N ARG A 86 9.63 -7.15 22.27
CA ARG A 86 10.91 -6.94 21.61
C ARG A 86 10.72 -6.48 20.16
N LEU A 87 9.93 -5.41 20.01
CA LEU A 87 9.52 -4.94 18.71
C LEU A 87 10.71 -4.53 17.85
N THR A 88 10.60 -4.84 16.56
CA THR A 88 11.62 -4.46 15.59
C THR A 88 10.99 -3.60 14.50
N LEU A 89 11.81 -2.95 13.70
CA LEU A 89 11.31 -2.10 12.62
C LEU A 89 10.41 -2.91 11.67
N ASP A 90 10.75 -4.17 11.48
CA ASP A 90 10.00 -5.04 10.56
C ASP A 90 8.61 -5.39 11.07
N ASP A 91 8.32 -5.06 12.32
CA ASP A 91 6.98 -5.31 12.87
C ASP A 91 6.00 -4.18 12.53
N THR A 92 6.50 -3.13 11.88
CA THR A 92 5.61 -2.06 11.40
C THR A 92 4.63 -2.63 10.37
N ALA A 93 3.34 -2.53 10.69
CA ALA A 93 2.30 -3.20 9.90
C ALA A 93 0.91 -2.87 10.43
N THR A 94 -0.12 -3.26 9.68
CA THR A 94 -1.48 -3.20 10.19
C THR A 94 -1.85 -4.58 10.69
N TYR A 95 -2.33 -4.65 11.92
CA TYR A 95 -2.71 -5.90 12.57
C TYR A 95 -4.22 -6.05 12.60
N TYR A 96 -4.71 -7.24 12.23
CA TYR A 96 -6.15 -7.53 12.19
C TYR A 96 -6.48 -8.72 13.07
N CYS A 97 -7.61 -8.68 13.75
CA CYS A 97 -8.17 -9.91 14.28
C CYS A 97 -9.32 -10.35 13.37
N SER A 98 -9.60 -11.65 13.40
CA SER A 98 -10.74 -12.19 12.67
C SER A 98 -11.35 -13.35 13.45
N ARG A 99 -12.64 -13.56 13.29
CA ARG A 99 -13.29 -14.69 13.94
C ARG A 99 -13.43 -15.85 12.94
N ASP A 100 -13.51 -17.06 13.47
CA ASP A 100 -13.52 -18.24 12.60
C ASP A 100 -14.07 -19.43 13.37
N ASN A 101 -15.07 -20.11 12.80
CA ASN A 101 -15.51 -21.38 13.34
C ASN A 101 -14.34 -22.37 13.44
N PHE A 102 -13.43 -22.29 12.47
CA PHE A 102 -12.21 -23.12 12.41
C PHE A 102 -12.52 -24.60 12.70
N GLY A 103 -13.57 -25.10 12.07
CA GLY A 103 -13.90 -26.52 12.14
C GLY A 103 -14.30 -27.04 13.51
N THR A 104 -14.67 -26.14 14.41
CA THR A 104 -14.89 -26.54 15.81
C THR A 104 -16.33 -26.85 16.17
N ARG A 105 -17.27 -26.10 15.60
CA ARG A 105 -18.67 -26.28 15.97
C ARG A 105 -19.54 -26.64 14.76
N PRO A 106 -20.63 -27.38 15.01
CA PRO A 106 -21.54 -27.79 13.95
C PRO A 106 -22.54 -26.70 13.61
N VAL A 107 -22.12 -25.71 12.83
CA VAL A 107 -23.02 -24.62 12.46
C VAL A 107 -24.13 -25.15 11.55
N PRO A 108 -25.40 -24.93 11.94
CA PRO A 108 -26.48 -25.55 11.15
C PRO A 108 -26.47 -25.11 9.69
N GLY A 109 -26.48 -26.10 8.80
CA GLY A 109 -26.50 -25.83 7.38
C GLY A 109 -25.13 -25.61 6.77
N ARG A 110 -24.11 -25.41 7.60
CA ARG A 110 -22.77 -25.12 7.11
C ARG A 110 -21.75 -26.15 7.58
N GLY A 111 -22.04 -26.82 8.69
CA GLY A 111 -21.15 -27.83 9.24
C GLY A 111 -19.96 -27.27 9.97
N TYR A 112 -18.94 -28.13 10.14
CA TYR A 112 -17.72 -27.76 10.85
C TYR A 112 -16.79 -27.02 9.88
N TYR A 113 -17.25 -25.85 9.42
CA TYR A 113 -16.59 -25.15 8.33
C TYR A 113 -15.42 -24.30 8.82
N TYR A 114 -14.56 -23.92 7.87
CA TYR A 114 -13.41 -23.04 8.07
C TYR A 114 -13.63 -21.78 7.24
N GLY A 115 -13.59 -20.61 7.86
CA GLY A 115 -13.67 -19.36 7.10
C GLY A 115 -13.65 -18.14 7.99
N MET A 116 -12.62 -17.31 7.83
CA MET A 116 -12.51 -16.07 8.60
C MET A 116 -13.52 -15.05 8.08
N ASP A 117 -14.70 -14.99 8.69
CA ASP A 117 -15.79 -14.29 8.03
C ASP A 117 -16.04 -12.88 8.55
N VAL A 118 -15.59 -12.58 9.76
CA VAL A 118 -15.70 -11.23 10.31
C VAL A 118 -14.32 -10.76 10.76
N TRP A 119 -13.98 -9.53 10.38
CA TRP A 119 -12.66 -8.96 10.62
C TRP A 119 -12.75 -7.67 11.42
N GLY A 120 -11.78 -7.44 12.31
CA GLY A 120 -11.63 -6.13 12.91
C GLY A 120 -11.21 -5.06 11.90
N GLN A 121 -11.21 -3.81 12.33
CA GLN A 121 -10.95 -2.71 11.41
C GLN A 121 -9.45 -2.48 11.15
N GLY A 122 -8.61 -3.18 11.92
CA GLY A 122 -7.18 -3.03 11.78
C GLY A 122 -6.61 -2.09 12.82
N THR A 123 -5.39 -2.39 13.25
CA THR A 123 -4.63 -1.55 14.16
C THR A 123 -3.24 -1.36 13.57
N THR A 124 -2.86 -0.11 13.32
CA THR A 124 -1.53 0.14 12.76
C THR A 124 -0.53 0.35 13.87
N ILE A 125 0.53 -0.46 13.84
CA ILE A 125 1.63 -0.32 14.78
C ILE A 125 2.85 0.17 14.00
N ILE A 126 3.38 1.33 14.42
CA ILE A 126 4.60 1.90 13.85
C ILE A 126 5.72 1.69 14.83
N VAL A 127 6.74 0.95 14.44
CA VAL A 127 7.90 0.77 15.30
C VAL A 127 9.03 1.64 14.80
N SER A 128 9.46 2.58 15.64
CA SER A 128 10.40 3.60 15.19
C SER A 128 11.09 4.30 16.36
N SER A 129 12.34 4.69 16.15
CA SER A 129 13.06 5.53 17.11
C SER A 129 12.82 7.02 16.88
N ALA A 130 12.11 7.36 15.81
CA ALA A 130 11.95 8.78 15.45
C ALA A 130 11.06 9.54 16.41
N SER A 131 11.35 10.83 16.57
CA SER A 131 10.50 11.75 17.31
C SER A 131 9.54 12.41 16.35
N THR A 132 8.38 12.80 16.88
CA THR A 132 7.40 13.55 16.11
C THR A 132 8.04 14.82 15.51
N LYS A 133 7.83 15.03 14.22
CA LYS A 133 8.46 16.13 13.51
C LYS A 133 7.58 16.55 12.35
N GLY A 134 7.39 17.85 12.18
CA GLY A 134 6.63 18.36 11.04
C GLY A 134 7.48 18.43 9.79
N PRO A 135 6.82 18.49 8.63
CA PRO A 135 7.52 18.45 7.34
C PRO A 135 8.22 19.76 7.00
N SER A 136 9.27 19.64 6.20
CA SER A 136 9.84 20.77 5.47
C SER A 136 9.29 20.71 4.05
N VAL A 137 8.56 21.73 3.64
CA VAL A 137 7.89 21.70 2.35
C VAL A 137 8.65 22.54 1.34
N PHE A 138 9.18 21.87 0.31
CA PHE A 138 10.00 22.52 -0.71
C PHE A 138 9.25 22.58 -2.02
N PRO A 139 9.49 23.62 -2.81
CA PRO A 139 8.81 23.68 -4.11
C PRO A 139 9.44 22.76 -5.14
N LEU A 140 8.60 22.18 -5.97
CA LEU A 140 9.02 21.53 -7.20
C LEU A 140 8.61 22.48 -8.30
N ALA A 141 9.53 23.37 -8.69
CA ALA A 141 9.16 24.51 -9.51
C ALA A 141 8.98 24.11 -10.96
N PRO A 142 7.98 24.72 -11.63
CA PRO A 142 7.86 24.46 -13.06
C PRO A 142 9.00 25.13 -13.82
N SER A 143 9.55 24.43 -14.80
CA SER A 143 10.56 25.01 -15.67
C SER A 143 10.44 24.39 -17.05
N SER A 144 11.43 24.62 -17.90
CA SER A 144 11.44 23.99 -19.21
C SER A 144 11.66 22.48 -19.07
N LYS A 145 12.38 22.07 -18.03
CA LYS A 145 12.66 20.65 -17.78
C LYS A 145 11.43 19.92 -17.23
N SER A 146 10.41 20.72 -16.91
CA SER A 146 9.10 20.21 -16.52
C SER A 146 7.98 20.83 -17.36
N THR A 147 8.18 20.92 -18.67
CA THR A 147 7.13 21.37 -19.58
C THR A 147 6.99 20.42 -20.75
N SER A 148 5.76 19.99 -21.00
CA SER A 148 5.44 19.13 -22.13
C SER A 148 4.60 19.94 -23.12
N GLY A 149 5.27 20.73 -23.95
CA GLY A 149 4.61 21.61 -24.91
C GLY A 149 3.74 22.65 -24.25
N GLY A 150 2.43 22.41 -24.27
CA GLY A 150 1.48 23.29 -23.63
C GLY A 150 1.23 22.95 -22.17
N THR A 151 1.85 21.88 -21.68
CA THR A 151 1.64 21.45 -20.30
C THR A 151 2.90 21.56 -19.44
N ALA A 152 2.73 22.03 -18.21
CA ALA A 152 3.81 22.12 -17.25
C ALA A 152 3.48 21.31 -16.02
N ALA A 153 4.49 20.74 -15.37
CA ALA A 153 4.29 20.07 -14.10
C ALA A 153 4.95 20.88 -12.98
N LEU A 154 4.29 20.92 -11.84
CA LEU A 154 4.86 21.55 -10.65
C LEU A 154 4.40 20.77 -9.45
N GLY A 155 4.94 21.09 -8.28
CA GLY A 155 4.58 20.33 -7.09
C GLY A 155 5.20 20.81 -5.80
N CYS A 156 5.00 20.02 -4.75
CA CYS A 156 5.61 20.25 -3.45
C CYS A 156 6.25 18.97 -2.95
N LEU A 157 7.48 19.09 -2.49
CA LEU A 157 8.19 17.99 -1.82
C LEU A 157 7.97 18.17 -0.33
N VAL A 158 7.25 17.21 0.27
CA VAL A 158 6.89 17.27 1.68
C VAL A 158 7.80 16.31 2.44
N LYS A 159 8.90 16.85 2.97
CA LYS A 159 10.03 16.01 3.39
C LYS A 159 10.26 16.00 4.89
N ASP A 160 10.65 14.84 5.40
CA ASP A 160 11.21 14.71 6.75
C ASP A 160 10.17 14.96 7.84
N TYR A 161 9.10 14.16 7.82
CA TYR A 161 8.09 14.24 8.87
C TYR A 161 7.86 12.89 9.50
N PHE A 162 7.31 12.90 10.70
CA PHE A 162 7.01 11.67 11.44
C PHE A 162 5.97 11.97 12.52
N PRO A 163 4.98 11.09 12.69
CA PRO A 163 4.68 9.90 11.89
C PRO A 163 3.74 10.27 10.76
N GLU A 164 3.29 9.28 9.97
CA GLU A 164 2.22 9.53 9.01
C GLU A 164 0.95 9.88 9.79
N PRO A 165 0.01 10.60 9.15
CA PRO A 165 0.01 11.05 7.76
C PRO A 165 0.12 12.56 7.62
N VAL A 166 0.39 13.02 6.41
CA VAL A 166 0.09 14.39 6.02
C VAL A 166 -1.07 14.35 5.06
N THR A 167 -1.82 15.44 5.00
CA THR A 167 -2.80 15.62 3.94
C THR A 167 -2.34 16.80 3.10
N VAL A 168 -2.64 16.72 1.80
CA VAL A 168 -2.23 17.77 0.88
C VAL A 168 -3.40 18.14 -0.01
N SER A 169 -3.60 19.45 -0.19
CA SER A 169 -4.52 19.96 -1.19
C SER A 169 -3.83 21.07 -1.98
N TRP A 170 -4.48 21.54 -3.04
CA TRP A 170 -3.93 22.65 -3.83
C TRP A 170 -4.95 23.76 -3.93
N ASN A 171 -4.47 24.99 -3.74
CA ASN A 171 -5.29 26.19 -3.83
C ASN A 171 -6.55 26.06 -2.97
N SER A 172 -6.34 25.56 -1.76
CA SER A 172 -7.40 25.39 -0.76
C SER A 172 -8.56 24.53 -1.28
N GLY A 173 -8.25 23.59 -2.17
CA GLY A 173 -9.23 22.65 -2.67
C GLY A 173 -9.81 23.02 -4.02
N ALA A 174 -9.50 24.24 -4.48
CA ALA A 174 -10.00 24.72 -5.76
C ALA A 174 -9.31 24.07 -6.95
N LEU A 175 -8.13 23.49 -6.73
CA LEU A 175 -7.41 22.80 -7.79
C LEU A 175 -7.35 21.30 -7.50
N THR A 176 -8.04 20.50 -8.31
CA THR A 176 -8.05 19.06 -8.11
C THR A 176 -7.70 18.29 -9.39
N SER A 177 -8.06 18.86 -10.53
CA SER A 177 -7.76 18.24 -11.81
C SER A 177 -6.25 18.12 -12.02
N GLY A 178 -5.78 16.91 -12.29
CA GLY A 178 -4.38 16.70 -12.61
C GLY A 178 -3.47 16.59 -11.41
N VAL A 179 -4.04 16.57 -10.22
CA VAL A 179 -3.26 16.44 -9.00
C VAL A 179 -2.93 14.97 -8.72
N HIS A 180 -1.68 14.69 -8.38
CA HIS A 180 -1.30 13.38 -7.90
C HIS A 180 -0.48 13.55 -6.63
N THR A 181 -1.01 13.03 -5.53
CA THR A 181 -0.30 13.04 -4.26
C THR A 181 0.15 11.62 -4.02
N PHE A 182 1.46 11.42 -3.98
CA PHE A 182 2.02 10.08 -3.91
C PHE A 182 2.00 9.50 -2.52
N PRO A 183 1.93 8.16 -2.43
CA PRO A 183 2.12 7.54 -1.12
C PRO A 183 3.48 7.91 -0.53
N ALA A 184 3.52 8.09 0.79
CA ALA A 184 4.78 8.40 1.45
C ALA A 184 5.76 7.24 1.35
N VAL A 185 7.05 7.58 1.37
CA VAL A 185 8.08 6.58 1.53
C VAL A 185 8.78 6.80 2.87
N LEU A 186 9.25 5.71 3.47
CA LEU A 186 10.06 5.80 4.67
C LEU A 186 11.53 5.90 4.27
N GLN A 187 12.16 7.00 4.62
CA GLN A 187 13.56 7.22 4.27
C GLN A 187 14.49 6.47 5.20
N SER A 188 15.74 6.31 4.78
CA SER A 188 16.72 5.61 5.60
C SER A 188 16.95 6.32 6.94
N SER A 189 16.62 7.60 7.00
CA SER A 189 16.73 8.39 8.21
C SER A 189 15.67 8.05 9.26
N GLY A 190 14.62 7.35 8.84
CA GLY A 190 13.51 7.08 9.71
C GLY A 190 12.38 8.08 9.59
N LEU A 191 12.55 9.12 8.76
CA LEU A 191 11.47 10.09 8.55
C LEU A 191 10.78 9.82 7.21
N TYR A 192 9.49 10.16 7.13
CA TYR A 192 8.73 9.97 5.91
C TYR A 192 8.93 11.15 4.97
N SER A 193 8.62 10.92 3.70
CA SER A 193 8.69 11.96 2.70
C SER A 193 7.68 11.63 1.62
N LEU A 194 7.02 12.64 1.08
CA LEU A 194 6.20 12.44 -0.12
C LEU A 194 6.25 13.68 -1.00
N SER A 195 5.82 13.51 -2.25
CA SER A 195 5.60 14.64 -3.14
C SER A 195 4.15 14.67 -3.61
N SER A 196 3.68 15.87 -3.87
CA SER A 196 2.40 16.07 -4.51
C SER A 196 2.65 16.91 -5.75
N VAL A 197 2.14 16.47 -6.90
CA VAL A 197 2.37 17.18 -8.14
C VAL A 197 1.06 17.50 -8.83
N VAL A 198 1.10 18.45 -9.75
CA VAL A 198 -0.06 18.76 -10.56
C VAL A 198 0.43 19.20 -11.93
N THR A 199 -0.29 18.82 -12.99
CA THR A 199 -0.01 19.35 -14.31
C THR A 199 -1.04 20.42 -14.65
N VAL A 200 -0.55 21.51 -15.23
CA VAL A 200 -1.34 22.69 -15.54
C VAL A 200 -0.89 23.21 -16.90
N PRO A 201 -1.70 24.06 -17.53
CA PRO A 201 -1.17 24.64 -18.78
C PRO A 201 0.05 25.53 -18.54
N SER A 202 1.06 25.42 -19.41
CA SER A 202 2.25 26.26 -19.31
C SER A 202 1.89 27.74 -19.33
N SER A 203 0.88 28.09 -20.11
CA SER A 203 0.48 29.48 -20.25
C SER A 203 -0.09 30.05 -18.95
N SER A 204 -0.49 29.18 -18.04
CA SER A 204 -1.10 29.64 -16.78
C SER A 204 -0.06 30.03 -15.72
N LEU A 205 1.21 29.73 -15.98
CA LEU A 205 2.25 29.93 -14.96
C LEU A 205 2.46 31.39 -14.59
N GLY A 206 2.16 32.30 -15.52
CA GLY A 206 2.33 33.72 -15.24
C GLY A 206 1.11 34.40 -14.64
N THR A 207 -0.02 33.70 -14.61
CA THR A 207 -1.28 34.34 -14.26
C THR A 207 -1.99 33.67 -13.08
N GLN A 208 -1.73 32.39 -12.88
CA GLN A 208 -2.42 31.65 -11.82
C GLN A 208 -1.45 31.32 -10.69
N THR A 209 -1.86 31.63 -9.45
CA THR A 209 -1.04 31.31 -8.29
C THR A 209 -1.27 29.84 -7.92
N TYR A 210 -0.19 29.12 -7.64
CA TYR A 210 -0.29 27.74 -7.21
C TYR A 210 0.29 27.59 -5.81
N ILE A 211 -0.55 27.12 -4.89
CA ILE A 211 -0.18 26.95 -3.49
C ILE A 211 -0.53 25.54 -3.01
N CYS A 212 0.43 24.82 -2.45
CA CYS A 212 0.10 23.53 -1.85
C CYS A 212 -0.17 23.70 -0.35
N ASN A 213 -1.28 23.12 0.09
CA ASN A 213 -1.72 23.22 1.48
C ASN A 213 -1.40 21.90 2.16
N VAL A 214 -0.51 21.95 3.14
CA VAL A 214 -0.05 20.74 3.79
C VAL A 214 -0.41 20.75 5.27
N ASN A 215 -1.03 19.66 5.73
CA ASN A 215 -1.37 19.57 7.14
C ASN A 215 -0.75 18.33 7.77
N HIS A 216 -0.04 18.52 8.88
CA HIS A 216 0.51 17.39 9.62
C HIS A 216 0.02 17.50 11.06
N LYS A 217 -1.13 16.88 11.31
CA LYS A 217 -1.75 16.97 12.63
C LYS A 217 -0.87 16.47 13.78
N PRO A 218 -0.16 15.33 13.59
CA PRO A 218 0.62 14.84 14.73
C PRO A 218 1.60 15.87 15.33
N SER A 219 2.15 16.76 14.50
CA SER A 219 3.11 17.74 14.99
C SER A 219 2.55 19.17 15.06
N ASN A 220 1.23 19.33 14.82
CA ASN A 220 0.56 20.66 14.84
CA ASN A 220 0.65 20.66 14.92
C ASN A 220 1.25 21.62 13.88
N THR A 221 1.59 21.07 12.70
CA THR A 221 2.24 21.87 11.67
C THR A 221 1.31 22.05 10.46
N LYS A 222 1.12 23.29 10.04
CA LYS A 222 0.37 23.62 8.82
C LYS A 222 1.21 24.48 7.88
N VAL A 223 1.18 24.14 6.61
CA VAL A 223 2.01 24.80 5.60
C VAL A 223 1.18 25.17 4.38
N ASP A 224 1.32 26.41 3.90
CA ASP A 224 0.75 26.79 2.62
C ASP A 224 1.85 27.37 1.75
N LYS A 225 2.39 26.55 0.85
CA LYS A 225 3.60 26.89 0.14
C LYS A 225 3.32 27.31 -1.30
N ARG A 226 3.66 28.55 -1.63
CA ARG A 226 3.52 29.05 -3.00
C ARG A 226 4.63 28.48 -3.88
N VAL A 227 4.24 27.93 -5.03
CA VAL A 227 5.18 27.35 -5.97
C VAL A 227 5.22 28.23 -7.21
N GLU A 228 6.36 28.86 -7.45
CA GLU A 228 6.45 29.78 -8.58
C GLU A 228 7.52 29.34 -9.57
N PRO A 229 7.37 29.73 -10.84
CA PRO A 229 8.32 29.43 -11.91
C PRO A 229 9.75 29.83 -11.56
N LYS A 230 10.73 29.09 -12.09
CA LYS A 230 12.14 29.33 -11.82
C LYS A 230 12.60 30.71 -12.27
N SER A 231 13.32 31.40 -11.37
CA SER A 231 13.78 32.76 -11.62
C SER A 231 14.78 32.86 -12.77
N CYS A 232 14.33 33.47 -13.87
CA CYS A 232 15.18 33.73 -15.04
C CYS A 232 15.24 35.20 -15.38
N GLU B 1 5.44 -27.75 4.48
CA GLU B 1 4.70 -26.50 4.34
C GLU B 1 4.02 -26.40 2.99
N ILE B 2 2.72 -26.14 2.99
CA ILE B 2 1.98 -25.99 1.75
C ILE B 2 2.46 -24.72 1.04
N VAL B 3 2.54 -24.80 -0.28
CA VAL B 3 2.85 -23.62 -1.09
C VAL B 3 1.70 -23.37 -2.06
N LEU B 4 1.21 -22.15 -2.10
CA LEU B 4 0.14 -21.77 -3.01
C LEU B 4 0.69 -20.87 -4.11
N THR B 5 0.25 -21.10 -5.34
CA THR B 5 0.62 -20.21 -6.43
CA THR B 5 0.63 -20.30 -6.48
C THR B 5 -0.62 -19.62 -7.05
N GLN B 6 -0.55 -18.37 -7.45
CA GLN B 6 -1.68 -17.75 -8.08
C GLN B 6 -1.45 -17.17 -9.48
N SER B 7 -2.36 -17.46 -10.49
CA SER B 7 -2.15 -17.00 -11.84
C SER B 7 -3.48 -16.60 -12.42
N PRO B 8 -3.64 -15.44 -13.20
CA PRO B 8 -2.41 -14.67 -13.46
C PRO B 8 -1.97 -13.80 -12.30
N GLY B 9 -0.71 -13.39 -12.36
CA GLY B 9 -0.12 -12.50 -11.38
C GLY B 9 -1.02 -11.29 -11.34
N VAL B 10 -1.40 -10.84 -12.52
CA VAL B 10 -2.25 -9.68 -12.65
C VAL B 10 -3.20 -10.08 -13.77
N LEU B 11 -4.39 -9.50 -13.71
CA LEU B 11 -5.34 -9.55 -14.80
C LEU B 11 -5.72 -8.12 -15.15
N SER B 12 -5.79 -7.83 -16.45
CA SER B 12 -6.21 -6.52 -16.90
CA SER B 12 -6.20 -6.53 -16.92
C SER B 12 -7.48 -6.67 -17.73
N LEU B 13 -8.60 -6.23 -17.16
CA LEU B 13 -9.91 -6.48 -17.75
C LEU B 13 -10.81 -5.26 -17.67
N SER B 14 -11.87 -5.25 -18.47
CA SER B 14 -12.81 -4.14 -18.45
C SER B 14 -14.02 -4.47 -17.58
N PRO B 15 -14.66 -3.43 -17.01
CA PRO B 15 -15.94 -3.66 -16.32
C PRO B 15 -16.89 -4.40 -17.25
N GLY B 16 -17.61 -5.39 -16.72
CA GLY B 16 -18.50 -6.20 -17.54
C GLY B 16 -17.91 -7.50 -18.03
N GLU B 17 -16.58 -7.61 -18.04
CA GLU B 17 -15.94 -8.83 -18.52
C GLU B 17 -15.88 -9.91 -17.42
N ARG B 18 -15.70 -11.16 -17.85
CA ARG B 18 -15.54 -12.28 -16.94
C ARG B 18 -14.10 -12.35 -16.47
N ALA B 19 -13.88 -12.69 -15.20
CA ALA B 19 -12.54 -12.89 -14.68
C ALA B 19 -12.42 -14.31 -14.16
N SER B 20 -11.30 -14.95 -14.47
CA SER B 20 -11.01 -16.30 -13.98
C SER B 20 -9.65 -16.29 -13.28
N LEU B 21 -9.66 -16.59 -12.00
CA LEU B 21 -8.44 -16.52 -11.17
C LEU B 21 -8.03 -17.91 -10.72
N SER B 22 -6.73 -18.22 -10.83
CA SER B 22 -6.21 -19.55 -10.54
C SER B 22 -5.46 -19.61 -9.21
N CYS B 23 -5.66 -20.71 -8.48
CA CYS B 23 -4.91 -20.99 -7.27
C CYS B 23 -4.49 -22.44 -7.31
N ARG B 24 -3.19 -22.69 -7.24
CA ARG B 24 -2.69 -24.07 -7.24
C ARG B 24 -1.93 -24.36 -5.95
N ALA B 25 -2.11 -25.57 -5.43
CA ALA B 25 -1.45 -25.98 -4.19
C ALA B 25 -0.40 -27.05 -4.43
N SER B 26 0.64 -27.04 -3.62
CA SER B 26 1.77 -27.96 -3.81
C SER B 26 1.42 -29.40 -3.40
N HIS B 27 0.37 -29.53 -2.59
CA HIS B 27 -0.17 -30.86 -2.27
C HIS B 27 -1.69 -30.77 -2.21
N GLY B 28 -2.36 -31.90 -2.41
CA GLY B 28 -3.81 -31.90 -2.43
C GLY B 28 -4.42 -31.39 -1.14
N LEU B 29 -5.47 -30.60 -1.27
CA LEU B 29 -6.22 -30.05 -0.14
C LEU B 29 -7.62 -30.64 -0.09
N ASP B 30 -8.18 -30.81 1.11
CA ASP B 30 -9.61 -31.05 1.24
C ASP B 30 -10.33 -29.80 0.74
N THR B 31 -11.45 -29.97 0.06
CA THR B 31 -12.20 -28.80 -0.40
C THR B 31 -12.67 -27.94 0.77
N SER B 32 -12.81 -28.54 1.95
CA SER B 32 -13.18 -27.78 3.15
C SER B 32 -12.12 -26.75 3.56
N HIS B 33 -10.91 -26.87 3.03
CA HIS B 33 -9.78 -26.10 3.54
C HIS B 33 -9.18 -25.12 2.54
N LEU B 34 -10.00 -24.63 1.62
CA LEU B 34 -9.55 -23.64 0.63
C LEU B 34 -10.55 -22.49 0.61
N ALA B 35 -10.06 -21.27 0.84
CA ALA B 35 -10.90 -20.09 0.88
C ALA B 35 -10.36 -18.99 -0.02
N TRP B 36 -11.23 -18.04 -0.36
CA TRP B 36 -10.82 -16.88 -1.16
C TRP B 36 -11.19 -15.58 -0.45
N PHE B 37 -10.29 -14.60 -0.55
CA PHE B 37 -10.48 -13.26 0.04
C PHE B 37 -10.28 -12.16 -0.98
N GLN B 38 -11.03 -11.07 -0.80
CA GLN B 38 -10.82 -9.84 -1.55
C GLN B 38 -10.09 -8.87 -0.64
N HIS B 39 -9.15 -8.09 -1.18
CA HIS B 39 -8.54 -7.03 -0.39
C HIS B 39 -8.31 -5.76 -1.19
N LYS B 40 -8.70 -4.65 -0.58
CA LYS B 40 -8.38 -3.33 -1.13
C LYS B 40 -7.43 -2.64 -0.16
N PRO B 41 -6.55 -1.77 -0.69
CA PRO B 41 -5.53 -1.21 0.22
C PRO B 41 -6.14 -0.46 1.42
N GLY B 42 -5.59 -0.70 2.62
CA GLY B 42 -6.02 -0.03 3.82
C GLY B 42 -7.36 -0.51 4.36
N GLN B 43 -7.97 -1.58 3.82
CA GLN B 43 -9.28 -2.04 4.29
C GLN B 43 -9.15 -3.47 4.75
N PRO B 44 -9.97 -3.91 5.66
CA PRO B 44 -9.85 -5.30 6.11
C PRO B 44 -10.16 -6.29 5.00
N PRO B 45 -9.46 -7.43 4.95
CA PRO B 45 -9.78 -8.47 3.99
C PRO B 45 -11.24 -8.88 4.11
N ARG B 46 -11.80 -9.38 3.02
CA ARG B 46 -13.20 -9.77 2.98
C ARG B 46 -13.34 -11.20 2.45
N LEU B 47 -13.97 -12.06 3.24
CA LEU B 47 -14.15 -13.45 2.82
C LEU B 47 -15.16 -13.55 1.67
N LEU B 48 -14.75 -14.13 0.55
CA LEU B 48 -15.64 -14.28 -0.62
C LEU B 48 -16.20 -15.68 -0.71
N ILE B 49 -15.31 -16.65 -0.46
CA ILE B 49 -15.60 -18.06 -0.64
C ILE B 49 -14.94 -18.85 0.47
N TYR B 50 -15.66 -19.79 1.09
CA TYR B 50 -15.01 -20.74 2.00
C TYR B 50 -15.35 -22.15 1.54
N GLY B 51 -14.52 -23.12 1.91
CA GLY B 51 -14.80 -24.51 1.58
C GLY B 51 -14.93 -24.69 0.08
N THR B 52 -14.04 -24.01 -0.64
CA THR B 52 -13.89 -24.08 -2.11
C THR B 52 -15.02 -23.42 -2.90
N SER B 53 -16.25 -23.62 -2.46
CA SER B 53 -17.38 -23.20 -3.30
C SER B 53 -18.53 -22.50 -2.56
N SER B 54 -18.43 -22.33 -1.25
CA SER B 54 -19.55 -21.73 -0.52
C SER B 54 -19.38 -20.22 -0.33
N ARG B 55 -20.45 -19.47 -0.58
CA ARG B 55 -20.46 -18.03 -0.30
C ARG B 55 -21.01 -17.77 1.10
N PRO B 56 -20.31 -16.96 1.89
CA PRO B 56 -20.90 -16.44 3.13
C PRO B 56 -22.09 -15.56 2.81
N PRO B 57 -22.99 -15.33 3.77
CA PRO B 57 -24.11 -14.44 3.49
C PRO B 57 -23.64 -13.05 3.06
N GLY B 58 -24.31 -12.47 2.06
CA GLY B 58 -24.00 -11.13 1.59
C GLY B 58 -23.07 -11.05 0.38
N ILE B 59 -22.40 -12.14 0.07
CA ILE B 59 -21.51 -12.15 -1.08
C ILE B 59 -22.31 -12.39 -2.36
N PRO B 60 -22.17 -11.48 -3.35
CA PRO B 60 -22.95 -11.53 -4.60
C PRO B 60 -22.73 -12.83 -5.38
N ASP B 61 -23.72 -13.36 -6.07
CA ASP B 61 -23.42 -14.65 -6.65
C ASP B 61 -22.58 -14.57 -7.94
N ARG B 62 -22.15 -13.37 -8.34
CA ARG B 62 -21.20 -13.29 -9.45
C ARG B 62 -19.85 -13.87 -9.03
N PHE B 63 -19.62 -14.03 -7.72
CA PHE B 63 -18.41 -14.72 -7.26
C PHE B 63 -18.67 -16.22 -7.14
N ARG B 64 -17.94 -17.02 -7.91
CA ARG B 64 -18.10 -18.48 -7.91
C ARG B 64 -16.79 -19.18 -7.63
N GLY B 65 -16.79 -20.09 -6.66
CA GLY B 65 -15.60 -20.87 -6.38
C GLY B 65 -15.74 -22.30 -6.85
N SER B 66 -14.66 -22.83 -7.42
CA SER B 66 -14.67 -24.22 -7.90
C SER B 66 -13.29 -24.86 -7.79
N GLY B 67 -13.24 -26.15 -8.07
CA GLY B 67 -11.97 -26.86 -8.06
C GLY B 67 -11.91 -27.92 -6.99
N SER B 68 -10.76 -28.60 -6.93
CA SER B 68 -10.51 -29.63 -5.96
C SER B 68 -9.06 -30.07 -6.10
N GLY B 69 -8.59 -30.83 -5.11
CA GLY B 69 -7.26 -31.40 -5.15
C GLY B 69 -6.20 -30.32 -5.04
N THR B 70 -5.51 -30.06 -6.15
CA THR B 70 -4.47 -29.03 -6.17
C THR B 70 -4.84 -27.84 -7.04
N ASP B 71 -6.04 -27.85 -7.61
CA ASP B 71 -6.41 -26.85 -8.64
C ASP B 71 -7.73 -26.17 -8.31
N PHE B 72 -7.68 -24.86 -8.05
CA PHE B 72 -8.86 -24.11 -7.63
C PHE B 72 -9.04 -22.86 -8.48
N THR B 73 -10.29 -22.45 -8.63
CA THR B 73 -10.63 -21.30 -9.47
C THR B 73 -11.65 -20.40 -8.79
N LEU B 74 -11.37 -19.10 -8.82
CA LEU B 74 -12.36 -18.09 -8.48
C LEU B 74 -12.83 -17.42 -9.76
N THR B 75 -14.13 -17.48 -10.00
CA THR B 75 -14.69 -16.83 -11.18
C THR B 75 -15.49 -15.60 -10.74
N ILE B 76 -15.30 -14.49 -11.44
CA ILE B 76 -16.20 -13.35 -11.32
C ILE B 76 -16.94 -13.24 -12.66
N THR B 77 -18.25 -13.53 -12.65
CA THR B 77 -18.96 -13.69 -13.93
C THR B 77 -19.01 -12.40 -14.77
N LYS B 78 -19.09 -11.27 -14.08
CA LYS B 78 -19.20 -9.96 -14.72
C LYS B 78 -18.61 -8.92 -13.77
N LEU B 79 -17.46 -8.37 -14.11
CA LEU B 79 -16.79 -7.43 -13.24
C LEU B 79 -17.58 -6.14 -13.05
N GLU B 80 -17.78 -5.77 -11.79
CA GLU B 80 -18.35 -4.49 -11.43
C GLU B 80 -17.20 -3.55 -11.03
N PRO B 81 -17.41 -2.22 -11.07
CA PRO B 81 -16.31 -1.29 -10.76
C PRO B 81 -15.66 -1.58 -9.40
N GLU B 82 -16.45 -1.98 -8.42
CA GLU B 82 -15.93 -2.29 -7.09
C GLU B 82 -15.07 -3.57 -7.04
N ASP B 83 -15.01 -4.35 -8.13
CA ASP B 83 -14.32 -5.64 -8.10
C ASP B 83 -12.83 -5.56 -8.43
N PHE B 84 -12.37 -4.38 -8.82
CA PHE B 84 -10.96 -4.22 -9.14
C PHE B 84 -10.24 -4.09 -7.81
N ALA B 85 -9.48 -5.15 -7.50
CA ALA B 85 -8.95 -5.39 -6.16
C ALA B 85 -7.95 -6.53 -6.23
N VAL B 86 -7.37 -6.88 -5.09
CA VAL B 86 -6.45 -8.02 -5.00
C VAL B 86 -7.22 -9.21 -4.42
N TYR B 87 -6.99 -10.39 -4.99
CA TYR B 87 -7.69 -11.60 -4.53
C TYR B 87 -6.69 -12.61 -4.06
N TYR B 88 -6.89 -13.13 -2.84
CA TYR B 88 -6.00 -14.11 -2.25
C TYR B 88 -6.73 -15.43 -2.05
N CYS B 89 -6.13 -16.54 -2.47
CA CYS B 89 -6.60 -17.82 -1.96
C CYS B 89 -5.86 -18.10 -0.67
N GLN B 90 -6.37 -19.05 0.11
CA GLN B 90 -5.84 -19.33 1.43
C GLN B 90 -6.09 -20.79 1.80
N ASN B 91 -5.07 -21.46 2.33
CA ASN B 91 -5.24 -22.78 2.93
C ASN B 91 -5.77 -22.53 4.34
N SER B 92 -7.05 -22.83 4.56
CA SER B 92 -7.78 -22.25 5.69
C SER B 92 -7.87 -23.15 6.90
N GLY B 93 -7.33 -24.36 6.78
CA GLY B 93 -7.32 -25.30 7.89
C GLY B 93 -6.78 -26.63 7.42
N GLY B 94 -6.84 -27.66 8.26
CA GLY B 94 -7.27 -27.51 9.64
C GLY B 94 -6.06 -27.44 10.55
N GLY B 95 -4.87 -27.49 9.94
CA GLY B 95 -3.62 -27.35 10.65
C GLY B 95 -3.06 -25.93 10.53
N THR B 96 -1.86 -25.71 11.05
CA THR B 96 -1.25 -24.38 11.04
C THR B 96 0.21 -24.49 10.62
N PRO B 97 0.81 -23.40 10.13
CA PRO B 97 0.24 -22.06 9.90
C PRO B 97 -0.71 -22.01 8.70
N LEU B 98 -1.61 -21.05 8.72
CA LEU B 98 -2.51 -20.84 7.61
C LEU B 98 -1.77 -19.99 6.59
N ILE B 99 -1.84 -20.39 5.33
CA ILE B 99 -1.04 -19.76 4.30
C ILE B 99 -1.95 -19.01 3.32
N PHE B 100 -1.63 -17.74 3.08
CA PHE B 100 -2.25 -16.97 1.99
C PHE B 100 -1.42 -17.14 0.72
N GLY B 101 -2.10 -17.21 -0.43
CA GLY B 101 -1.39 -17.23 -1.69
C GLY B 101 -0.81 -15.85 -1.99
N PRO B 102 -0.02 -15.74 -3.06
CA PRO B 102 0.67 -14.48 -3.36
C PRO B 102 -0.24 -13.39 -3.91
N GLY B 103 -1.46 -13.76 -4.29
CA GLY B 103 -2.45 -12.80 -4.75
C GLY B 103 -2.47 -12.56 -6.26
N THR B 104 -3.66 -12.25 -6.76
CA THR B 104 -3.84 -11.80 -8.15
C THR B 104 -4.51 -10.44 -8.08
N LYS B 105 -3.90 -9.44 -8.72
CA LYS B 105 -4.51 -8.13 -8.75
C LYS B 105 -5.29 -7.96 -10.04
N VAL B 106 -6.55 -7.57 -9.93
CA VAL B 106 -7.37 -7.32 -11.11
C VAL B 106 -7.42 -5.82 -11.34
N ASN B 107 -6.83 -5.35 -12.43
CA ASN B 107 -6.74 -3.94 -12.80
CA ASN B 107 -6.89 -3.91 -12.68
C ASN B 107 -7.69 -3.60 -13.94
N ILE B 108 -8.00 -2.31 -14.08
CA ILE B 108 -8.82 -1.85 -15.19
C ILE B 108 -8.01 -1.74 -16.47
N LYS B 109 -8.46 -2.46 -17.49
CA LYS B 109 -7.82 -2.44 -18.81
C LYS B 109 -8.04 -1.10 -19.51
N ARG B 110 -6.99 -0.64 -20.20
CA ARG B 110 -7.08 0.52 -21.08
C ARG B 110 -5.93 0.43 -22.06
N THR B 111 -5.89 1.34 -23.03
CA THR B 111 -4.82 1.33 -24.01
C THR B 111 -3.49 1.72 -23.36
N VAL B 112 -2.40 1.21 -23.93
CA VAL B 112 -1.06 1.58 -23.48
C VAL B 112 -0.87 3.08 -23.62
N ALA B 113 -0.31 3.70 -22.57
CA ALA B 113 -0.02 5.14 -22.59
C ALA B 113 1.38 5.39 -22.06
N ALA B 114 2.23 6.03 -22.87
CA ALA B 114 3.58 6.35 -22.43
C ALA B 114 3.54 7.42 -21.35
N PRO B 115 4.51 7.39 -20.41
CA PRO B 115 4.56 8.46 -19.42
C PRO B 115 5.03 9.79 -20.00
N SER B 116 4.50 10.89 -19.47
CA SER B 116 5.12 12.20 -19.67
C SER B 116 6.13 12.34 -18.56
N VAL B 117 7.37 12.65 -18.91
CA VAL B 117 8.44 12.66 -17.91
C VAL B 117 8.92 14.08 -17.62
N PHE B 118 9.07 14.38 -16.33
CA PHE B 118 9.48 15.71 -15.86
C PHE B 118 10.58 15.55 -14.81
N ILE B 119 11.57 16.44 -14.82
CA ILE B 119 12.61 16.38 -13.79
C ILE B 119 12.68 17.72 -13.05
N PHE B 120 12.89 17.63 -11.75
CA PHE B 120 12.93 18.80 -10.87
C PHE B 120 14.25 18.84 -10.11
N PRO B 121 15.03 19.92 -10.28
CA PRO B 121 16.23 20.12 -9.45
C PRO B 121 15.86 20.43 -8.00
N PRO B 122 16.83 20.29 -7.08
CA PRO B 122 16.56 20.76 -5.73
C PRO B 122 16.35 22.27 -5.68
N SER B 123 15.49 22.73 -4.79
CA SER B 123 15.31 24.15 -4.55
C SER B 123 16.53 24.73 -3.86
N ASP B 124 16.82 26.01 -4.10
CA ASP B 124 17.87 26.67 -3.34
C ASP B 124 17.57 26.63 -1.85
N GLU B 125 16.29 26.74 -1.51
CA GLU B 125 15.88 26.65 -0.11
C GLU B 125 16.34 25.34 0.53
N GLN B 126 16.15 24.22 -0.15
CA GLN B 126 16.56 22.95 0.43
C GLN B 126 18.07 22.85 0.60
N LEU B 127 18.83 23.39 -0.33
CA LEU B 127 20.29 23.26 -0.24
C LEU B 127 20.83 23.85 1.06
N LYS B 128 20.10 24.82 1.62
CA LYS B 128 20.47 25.37 2.92
C LYS B 128 20.46 24.29 4.01
N SER B 129 19.74 23.20 3.76
CA SER B 129 19.58 22.10 4.72
CA SER B 129 19.61 22.14 4.76
C SER B 129 20.78 21.14 4.72
N GLY B 130 21.58 21.21 3.68
CA GLY B 130 22.70 20.29 3.53
C GLY B 130 22.40 19.05 2.70
N THR B 131 21.16 18.94 2.24
CA THR B 131 20.72 17.81 1.43
C THR B 131 20.07 18.32 0.15
N ALA B 132 20.25 17.57 -0.93
CA ALA B 132 19.62 17.88 -2.21
C ALA B 132 18.71 16.75 -2.66
N SER B 133 17.46 17.06 -2.96
CA SER B 133 16.53 16.06 -3.51
C SER B 133 16.28 16.38 -4.98
N VAL B 134 16.46 15.37 -5.83
CA VAL B 134 16.15 15.51 -7.24
C VAL B 134 14.96 14.60 -7.53
N VAL B 135 13.94 15.15 -8.17
CA VAL B 135 12.70 14.38 -8.37
C VAL B 135 12.40 14.15 -9.84
N CYS B 136 12.06 12.92 -10.19
CA CYS B 136 11.68 12.57 -11.53
C CYS B 136 10.23 12.10 -11.49
N LEU B 137 9.41 12.73 -12.32
CA LEU B 137 7.99 12.41 -12.36
C LEU B 137 7.65 11.70 -13.65
N LEU B 138 7.02 10.53 -13.54
CA LEU B 138 6.45 9.81 -14.69
C LEU B 138 4.94 9.94 -14.61
N ASN B 139 4.33 10.70 -15.51
CA ASN B 139 2.92 11.05 -15.35
C ASN B 139 1.97 10.37 -16.32
N ASN B 140 0.89 9.82 -15.77
CA ASN B 140 -0.26 9.30 -16.52
C ASN B 140 0.10 8.26 -17.57
N PHE B 141 0.63 7.13 -17.10
CA PHE B 141 1.01 6.03 -17.99
C PHE B 141 0.27 4.74 -17.68
N TYR B 142 0.35 3.79 -18.62
CA TYR B 142 -0.29 2.50 -18.49
C TYR B 142 0.41 1.51 -19.43
N PRO B 143 0.72 0.29 -18.95
CA PRO B 143 0.45 -0.23 -17.61
C PRO B 143 1.45 0.28 -16.56
N ARG B 144 1.32 -0.26 -15.34
CA ARG B 144 2.06 0.23 -14.18
C ARG B 144 3.57 0.01 -14.26
N GLU B 145 3.98 -1.03 -14.97
CA GLU B 145 5.40 -1.39 -15.01
C GLU B 145 6.25 -0.34 -15.72
N ALA B 146 7.25 0.17 -15.02
CA ALA B 146 8.13 1.22 -15.53
C ALA B 146 9.49 1.10 -14.88
N LYS B 147 10.53 1.50 -15.60
CA LYS B 147 11.88 1.47 -15.05
C LYS B 147 12.48 2.87 -15.05
N VAL B 148 13.07 3.25 -13.91
CA VAL B 148 13.76 4.54 -13.80
C VAL B 148 15.21 4.32 -13.42
N GLN B 149 16.11 4.94 -14.16
CA GLN B 149 17.53 4.91 -13.83
C GLN B 149 18.03 6.33 -13.65
N TRP B 150 18.86 6.54 -12.63
CA TRP B 150 19.46 7.85 -12.39
C TRP B 150 20.92 7.85 -12.78
N LYS B 151 21.35 8.90 -13.49
CA LYS B 151 22.75 9.09 -13.79
C LYS B 151 23.18 10.50 -13.41
N VAL B 152 24.32 10.59 -12.73
CA VAL B 152 24.90 11.88 -12.33
C VAL B 152 26.27 11.98 -13.00
N ASP B 153 26.44 12.94 -13.90
CA ASP B 153 27.64 13.01 -14.74
C ASP B 153 27.95 11.64 -15.35
N ASN B 154 26.88 11.00 -15.84
CA ASN B 154 26.82 9.66 -16.43
C ASN B 154 27.20 8.45 -15.54
N ALA B 155 27.40 8.70 -14.26
CA ALA B 155 27.56 7.60 -13.31
C ALA B 155 26.18 7.10 -12.84
N LEU B 156 25.91 5.82 -13.09
CA LEU B 156 24.66 5.20 -12.63
C LEU B 156 24.60 5.25 -11.11
N GLN B 157 23.48 5.72 -10.58
CA GLN B 157 23.31 5.83 -9.13
C GLN B 157 22.72 4.56 -8.57
N SER B 158 23.21 4.16 -7.40
CA SER B 158 22.73 2.95 -6.72
CA SER B 158 22.69 2.97 -6.72
C SER B 158 22.50 3.21 -5.23
N GLY B 159 21.33 2.82 -4.73
CA GLY B 159 21.06 2.85 -3.30
C GLY B 159 20.61 4.17 -2.74
N ASN B 160 20.52 5.20 -3.58
CA ASN B 160 20.18 6.53 -3.07
C ASN B 160 18.93 7.10 -3.72
N SER B 161 18.05 6.23 -4.20
CA SER B 161 16.76 6.69 -4.72
C SER B 161 15.60 5.86 -4.19
N GLN B 162 14.42 6.48 -4.15
CA GLN B 162 13.20 5.81 -3.72
C GLN B 162 12.05 6.15 -4.65
N GLU B 163 11.21 5.15 -4.92
CA GLU B 163 10.05 5.31 -5.81
C GLU B 163 8.73 5.23 -5.05
N SER B 164 7.74 5.94 -5.57
CA SER B 164 6.37 5.83 -5.11
C SER B 164 5.44 5.82 -6.31
N VAL B 165 4.35 5.05 -6.24
CA VAL B 165 3.42 4.93 -7.37
C VAL B 165 1.98 5.14 -6.89
N THR B 166 1.17 5.85 -7.67
CA THR B 166 -0.22 6.05 -7.31
C THR B 166 -1.03 4.81 -7.64
N GLU B 167 -2.22 4.73 -7.06
CA GLU B 167 -3.20 3.75 -7.50
C GLU B 167 -3.78 4.15 -8.85
N GLN B 168 -4.39 3.20 -9.54
CA GLN B 168 -5.00 3.48 -10.82
C GLN B 168 -5.99 4.64 -10.74
N ASP B 169 -5.85 5.62 -11.63
CA ASP B 169 -6.68 6.83 -11.59
C ASP B 169 -8.14 6.50 -11.88
N SER B 170 -9.05 7.15 -11.16
CA SER B 170 -10.46 6.83 -11.22
C SER B 170 -11.05 7.21 -12.57
N LYS B 171 -10.47 8.24 -13.18
CA LYS B 171 -11.03 8.82 -14.41
C LYS B 171 -10.40 8.20 -15.66
N ASP B 172 -9.06 8.14 -15.73
CA ASP B 172 -8.41 7.69 -16.96
C ASP B 172 -7.65 6.36 -16.82
N SER B 173 -7.75 5.73 -15.65
CA SER B 173 -7.16 4.41 -15.41
C SER B 173 -5.64 4.36 -15.56
N THR B 174 -4.97 5.51 -15.48
CA THR B 174 -3.51 5.54 -15.58
C THR B 174 -2.85 5.52 -14.21
N TYR B 175 -1.53 5.39 -14.23
CA TYR B 175 -0.71 5.48 -13.04
C TYR B 175 0.23 6.67 -13.18
N SER B 176 0.73 7.15 -12.05
CA SER B 176 1.85 8.07 -12.04
C SER B 176 2.89 7.57 -11.04
N LEU B 177 4.14 7.96 -11.24
CA LEU B 177 5.24 7.46 -10.42
C LEU B 177 6.23 8.57 -10.15
N SER B 178 6.77 8.62 -8.93
CA SER B 178 7.87 9.53 -8.66
C SER B 178 9.11 8.75 -8.25
N SER B 179 10.27 9.24 -8.67
CA SER B 179 11.52 8.70 -8.17
C SER B 179 12.30 9.85 -7.60
N THR B 180 12.82 9.69 -6.39
CA THR B 180 13.53 10.78 -5.74
C THR B 180 14.95 10.35 -5.41
N LEU B 181 15.91 11.13 -5.89
CA LEU B 181 17.33 10.90 -5.68
C LEU B 181 17.79 11.80 -4.54
N THR B 182 18.44 11.24 -3.53
CA THR B 182 18.90 12.02 -2.37
C THR B 182 20.41 12.09 -2.36
N LEU B 183 20.94 13.30 -2.33
CA LEU B 183 22.38 13.55 -2.32
C LEU B 183 22.75 14.55 -1.25
N SER B 184 23.99 14.52 -0.76
CA SER B 184 24.45 15.63 0.07
C SER B 184 24.56 16.88 -0.78
N LYS B 185 24.46 18.05 -0.17
CA LYS B 185 24.69 19.28 -0.92
C LYS B 185 26.09 19.25 -1.55
N ALA B 186 27.07 18.77 -0.78
CA ALA B 186 28.45 18.69 -1.27
C ALA B 186 28.56 17.85 -2.54
N ASP B 187 27.90 16.70 -2.57
CA ASP B 187 27.95 15.85 -3.75
C ASP B 187 27.20 16.49 -4.92
N TYR B 188 26.08 17.15 -4.61
CA TYR B 188 25.30 17.82 -5.66
C TYR B 188 26.12 18.93 -6.30
N GLU B 189 26.87 19.68 -5.50
CA GLU B 189 27.65 20.79 -6.03
C GLU B 189 28.90 20.35 -6.80
N LYS B 190 29.30 19.10 -6.62
CA LYS B 190 30.49 18.54 -7.27
C LYS B 190 30.21 18.00 -8.67
N HIS B 191 28.94 17.96 -9.05
CA HIS B 191 28.55 17.36 -10.31
C HIS B 191 27.63 18.25 -11.10
N LYS B 192 27.53 17.98 -12.41
CA LYS B 192 26.85 18.90 -13.33
C LYS B 192 25.55 18.36 -13.93
N VAL B 193 25.61 17.17 -14.52
CA VAL B 193 24.48 16.64 -15.27
C VAL B 193 23.67 15.67 -14.42
N TYR B 194 22.38 15.96 -14.29
CA TYR B 194 21.44 15.12 -13.53
C TYR B 194 20.39 14.58 -14.48
N ALA B 195 20.36 13.24 -14.62
CA ALA B 195 19.53 12.62 -15.66
C ALA B 195 18.67 11.50 -15.11
N CYS B 196 17.41 11.51 -15.51
CA CYS B 196 16.48 10.42 -15.18
C CYS B 196 16.05 9.70 -16.45
N GLU B 197 16.46 8.45 -16.60
CA GLU B 197 16.18 7.69 -17.81
C GLU B 197 15.02 6.74 -17.58
N VAL B 198 13.99 6.86 -18.42
CA VAL B 198 12.76 6.12 -18.22
C VAL B 198 12.50 5.09 -19.32
N THR B 199 12.19 3.86 -18.90
CA THR B 199 11.82 2.79 -19.82
C THR B 199 10.39 2.38 -19.57
N HIS B 200 9.58 2.37 -20.63
CA HIS B 200 8.18 1.98 -20.53
C HIS B 200 7.72 1.48 -21.91
N GLN B 201 6.80 0.53 -21.94
CA GLN B 201 6.45 -0.09 -23.22
C GLN B 201 5.71 0.84 -24.17
N GLY B 202 5.22 1.96 -23.65
CA GLY B 202 4.59 2.98 -24.50
C GLY B 202 5.59 3.84 -25.24
N LEU B 203 6.87 3.68 -24.90
CA LEU B 203 7.95 4.42 -25.54
C LEU B 203 8.71 3.50 -26.48
N SER B 204 9.02 3.99 -27.68
CA SER B 204 9.76 3.17 -28.63
C SER B 204 11.17 2.90 -28.13
N SER B 205 11.71 3.83 -27.36
CA SER B 205 13.02 3.67 -26.75
C SER B 205 13.06 4.49 -25.46
N PRO B 206 14.01 4.20 -24.56
CA PRO B 206 13.99 4.92 -23.28
C PRO B 206 14.12 6.42 -23.48
N VAL B 207 13.47 7.17 -22.61
CA VAL B 207 13.49 8.63 -22.67
C VAL B 207 14.32 9.16 -21.50
N THR B 208 15.19 10.12 -21.79
CA THR B 208 15.98 10.74 -20.74
C THR B 208 15.59 12.20 -20.58
N LYS B 209 15.27 12.60 -19.35
CA LYS B 209 15.10 14.02 -19.04
C LYS B 209 16.24 14.41 -18.12
N SER B 210 16.84 15.56 -18.39
CA SER B 210 17.99 15.99 -17.61
C SER B 210 18.06 17.51 -17.44
N PHE B 211 18.83 17.93 -16.44
CA PHE B 211 19.19 19.34 -16.32
C PHE B 211 20.67 19.42 -15.95
N ASN B 212 21.27 20.57 -16.20
CA ASN B 212 22.61 20.88 -15.74
C ASN B 212 22.52 21.80 -14.52
N ARG B 213 23.16 21.42 -13.42
CA ARG B 213 23.16 22.25 -12.23
C ARG B 213 23.68 23.65 -12.55
N GLY B 214 22.91 24.66 -12.16
CA GLY B 214 23.34 26.04 -12.29
C GLY B 214 22.75 26.75 -13.49
N GLU B 215 22.09 25.99 -14.34
CA GLU B 215 21.52 26.59 -15.54
C GLU B 215 20.03 26.80 -15.38
N CYS B 216 19.56 27.93 -15.92
CA CYS B 216 18.24 28.45 -15.62
C CYS B 216 17.08 27.65 -16.24
S SO4 C . -12.96 -21.21 27.03
O1 SO4 C . -11.92 -21.46 28.03
O2 SO4 C . -14.16 -20.66 27.66
O3 SO4 C . -12.45 -20.27 26.03
O4 SO4 C . -13.34 -22.47 26.40
S SO4 D . 3.38 -14.59 -12.41
O1 SO4 D . 3.40 -15.00 -11.01
O2 SO4 D . 2.19 -13.78 -12.66
O3 SO4 D . 4.56 -13.82 -12.75
O4 SO4 D . 3.32 -15.78 -13.25
S SO4 E . 30.09 24.93 -12.50
O1 SO4 E . 31.09 25.97 -12.63
O2 SO4 E . 28.90 25.48 -11.85
O3 SO4 E . 29.75 24.43 -13.84
O4 SO4 E . 30.63 23.84 -11.69
S SO4 F . 15.28 21.30 7.47
O1 SO4 F . 15.28 20.29 8.52
O2 SO4 F . 14.62 22.51 7.98
O3 SO4 F . 16.66 21.64 7.15
O4 SO4 F . 14.60 20.79 6.29
S SO4 G . -0.50 -34.88 -3.03
O1 SO4 G . -1.46 -34.50 -1.99
O2 SO4 G . 0.65 -33.97 -3.01
O3 SO4 G . -1.16 -34.81 -4.33
O4 SO4 G . -0.03 -36.23 -2.76
#